data_9LMC
#
_entry.id   9LMC
#
_cell.length_a   119.425
_cell.length_b   37.719
_cell.length_c   94.496
_cell.angle_alpha   90.00
_cell.angle_beta   90.00
_cell.angle_gamma   90.00
#
_symmetry.space_group_name_H-M   'P 2 2 21'
#
loop_
_entity.id
_entity.type
_entity.pdbx_description
1 polymer 'PRTg (71-MER)'
2 non-polymer GUANINE
3 non-polymer 'MANGANESE (II) ION'
4 non-polymer "GUANOSINE-5'-TRIPHOSPHATE"
5 non-polymer 'MAGNESIUM ION'
6 water water
#
_entity_poly.entity_id   1
_entity_poly.type   'polyribonucleotide'
_entity_poly.pdbx_seq_one_letter_code
;GGGUUGUAUAAGCUCGUUAAUUUGGAAUGAGCGUAUCUACAGGCAACCGUAAAUUGCCCCAGGCUACAAUC
;
_entity_poly.pdbx_strand_id   A,B
#
loop_
_chem_comp.id
_chem_comp.type
_chem_comp.name
_chem_comp.formula
A RNA linking ADENOSINE-5'-MONOPHOSPHATE 'C10 H14 N5 O7 P'
C RNA linking CYTIDINE-5'-MONOPHOSPHATE 'C9 H14 N3 O8 P'
G RNA linking GUANOSINE-5'-MONOPHOSPHATE 'C10 H14 N5 O8 P'
GTP non-polymer GUANOSINE-5'-TRIPHOSPHATE 'C10 H16 N5 O14 P3'
GUN non-polymer GUANINE 'C5 H5 N5 O'
MG non-polymer 'MAGNESIUM ION' 'Mg 2'
MN non-polymer 'MANGANESE (II) ION' 'Mn 2'
U RNA linking URIDINE-5'-MONOPHOSPHATE 'C9 H13 N2 O9 P'
#
# COMPACT_ATOMS: atom_id res chain seq x y z
N9 GUN C . 11.42 8.22 -4.16
C8 GUN C . 12.37 9.07 -3.67
N7 GUN C . 11.92 10.29 -3.53
C5 GUN C . 10.62 10.22 -3.95
C6 GUN C . 9.63 11.23 -4.02
O6 GUN C . 9.70 12.40 -3.72
N1 GUN C . 8.43 10.70 -4.52
C2 GUN C . 8.21 9.41 -4.89
N2 GUN C . 6.99 9.10 -5.34
N3 GUN C . 9.13 8.49 -4.82
C4 GUN C . 10.30 8.95 -4.34
MN MN D . 11.86 26.46 -32.18
MN MN E . 11.33 21.10 -19.60
MN MN F . 21.62 10.88 0.54
MN MN G . 6.00 16.39 2.34
MN MN H . 11.52 19.57 -4.59
MN MN I . 19.65 13.52 0.50
N9 GUN J . -11.33 1.52 -11.20
C8 GUN J . -12.41 0.72 -11.38
N7 GUN J . -12.14 -0.52 -11.14
C5 GUN J . -10.81 -0.54 -10.78
C6 GUN J . -9.97 -1.63 -10.40
O6 GUN J . -10.21 -2.83 -10.32
N1 GUN J . -8.69 -1.15 -10.12
C2 GUN J . -8.27 0.14 -10.20
N2 GUN J . -6.99 0.40 -9.89
N3 GUN J . -9.06 1.12 -10.53
C4 GUN J . -10.30 0.73 -10.81
PG GTP K . -2.81 -0.67 11.38
O1G GTP K . -1.78 0.05 12.22
O2G GTP K . -3.54 -1.71 12.21
O3G GTP K . -3.83 0.34 10.88
O3B GTP K . -2.12 -1.40 10.12
PB GTP K . -0.57 -1.16 9.68
O1B GTP K . -0.19 0.28 9.95
O2B GTP K . 0.32 -2.10 10.42
O3A GTP K . -0.53 -1.44 8.07
PA GTP K . 0.03 -2.80 7.37
O1A GTP K . -0.08 -2.71 5.87
O2A GTP K . 1.45 -3.14 7.75
O5' GTP K . -0.98 -3.94 7.89
C5' GTP K . -1.62 -4.80 6.96
C4' GTP K . -0.78 -6.08 6.94
O4' GTP K . -0.79 -6.71 8.20
C3' GTP K . -1.29 -7.13 5.97
O3' GTP K . -0.79 -6.95 4.67
C2' GTP K . -0.74 -8.41 6.58
O2' GTP K . 0.52 -8.73 6.04
C1' GTP K . -0.59 -8.10 8.05
N9 GTP K . -1.63 -8.85 8.78
C8 GTP K . -1.50 -10.12 9.26
N7 GTP K . -2.66 -10.47 9.87
C5 GTP K . -3.53 -9.43 9.77
C6 GTP K . -4.84 -9.25 10.21
O6 GTP K . -5.42 -10.16 10.81
N1 GTP K . -5.48 -8.05 9.95
C2 GTP K . -4.84 -7.05 9.27
N2 GTP K . -5.46 -5.90 9.03
N3 GTP K . -3.53 -7.24 8.84
C4 GTP K . -2.89 -8.41 9.09
MN MN L . -2.38 -8.65 -26.25
MN MN M . -10.72 -9.45 -13.70
MN MN N . 4.01 -11.83 -37.56
MG MG O . -8.96 -11.78 12.11
#